data_2HVB
#
_entry.id   2HVB
#
_cell.length_a   62.561
_cell.length_b   62.561
_cell.length_c   115.254
_cell.angle_alpha   90.00
_cell.angle_beta   90.00
_cell.angle_gamma   120.00
#
_symmetry.space_group_name_H-M   'P 31'
#
loop_
_entity.id
_entity.type
_entity.pdbx_description
1 polymer 'Superoxide reductase'
2 non-polymer 'FE (III) ION'
3 water water
#
_entity_poly.entity_id   1
_entity_poly.type   'polypeptide(L)'
_entity_poly.pdbx_seq_one_letter_code
;MHHKAKVIGMLKETIRSGDWKGEKHVPVIEYEREGDLVKVEVSVGKEIPHPNTPEHHIAWIELYFHPEGGQFPILVGRVE
FTNHSDPLTEPRAVFFFKTSKKGKLYALSYCNIHGLWENEVQLE
;
_entity_poly.pdbx_strand_id   A,B,C,D
#
loop_
_chem_comp.id
_chem_comp.type
_chem_comp.name
_chem_comp.formula
FE non-polymer 'FE (III) ION' 'Fe 3'
#
# COMPACT_ATOMS: atom_id res chain seq x y z
N MET A 10 7.89 21.44 8.35
CA MET A 10 7.59 20.55 7.19
C MET A 10 6.36 19.66 7.42
N LEU A 11 6.49 18.38 7.10
CA LEU A 11 5.40 17.42 7.27
C LEU A 11 5.17 17.04 8.74
N LYS A 12 6.24 16.83 9.49
CA LYS A 12 6.07 16.46 10.90
C LYS A 12 5.20 17.44 11.66
N GLU A 13 5.35 18.73 11.37
CA GLU A 13 4.58 19.76 12.04
C GLU A 13 3.09 19.62 11.79
N THR A 14 2.73 18.94 10.71
CA THR A 14 1.33 18.76 10.37
C THR A 14 0.72 17.60 11.15
N ILE A 15 1.59 16.76 11.72
CA ILE A 15 1.15 15.59 12.48
C ILE A 15 0.59 16.00 13.84
N ARG A 16 -0.67 15.66 14.09
CA ARG A 16 -1.41 16.11 15.27
C ARG A 16 -1.51 15.03 16.34
N SER A 17 -1.97 15.44 17.53
CA SER A 17 -2.24 14.48 18.59
C SER A 17 -3.36 14.96 19.51
N GLY A 18 -4.59 14.57 19.16
CA GLY A 18 -5.75 15.00 19.94
C GLY A 18 -7.05 14.77 19.18
N ASP A 19 -7.78 15.87 18.95
CA ASP A 19 -9.00 15.78 18.15
C ASP A 19 -9.23 17.07 17.36
N TRP A 20 -10.47 17.23 16.87
CA TRP A 20 -10.78 18.42 16.08
C TRP A 20 -11.95 19.20 16.67
N GLU A 23 -14.21 15.10 17.01
CA GLU A 23 -14.05 13.97 16.09
C GLU A 23 -12.73 13.23 16.36
N LYS A 24 -12.85 12.05 16.97
CA LYS A 24 -11.62 11.35 17.32
C LYS A 24 -10.84 10.93 16.09
N HIS A 25 -9.57 11.32 16.09
CA HIS A 25 -8.64 10.96 15.03
C HIS A 25 -7.43 10.19 15.58
N VAL A 26 -7.10 10.45 16.84
CA VAL A 26 -5.95 9.83 17.49
C VAL A 26 -6.04 8.29 17.44
N PRO A 27 -5.05 7.65 16.81
CA PRO A 27 -5.07 6.18 16.71
C PRO A 27 -4.70 5.51 18.03
N VAL A 28 -5.61 4.67 18.52
CA VAL A 28 -5.40 3.96 19.78
C VAL A 28 -4.60 2.67 19.53
N ILE A 29 -3.61 2.44 20.37
CA ILE A 29 -2.76 1.25 20.27
C ILE A 29 -2.98 0.34 21.47
N GLU A 30 -3.30 -0.91 21.21
CA GLU A 30 -3.50 -1.88 22.27
C GLU A 30 -2.76 -3.14 21.87
N TYR A 31 -2.01 -3.73 22.80
CA TYR A 31 -1.23 -4.93 22.51
C TYR A 31 -1.25 -5.97 23.61
N GLU A 32 -1.00 -7.21 23.21
CA GLU A 32 -0.94 -8.31 24.15
C GLU A 32 0.35 -9.04 23.82
N ARG A 33 1.00 -9.52 24.86
CA ARG A 33 2.27 -10.21 24.69
C ARG A 33 2.27 -11.64 25.23
N GLU A 34 2.73 -12.56 24.38
CA GLU A 34 2.86 -13.97 24.74
C GLU A 34 4.28 -14.38 24.35
N GLY A 35 5.23 -14.06 25.23
CA GLY A 35 6.62 -14.38 24.97
C GLY A 35 7.24 -13.36 24.02
N ASP A 36 7.56 -13.81 22.81
CA ASP A 36 8.15 -12.91 21.83
C ASP A 36 7.08 -12.35 20.91
N LEU A 37 5.95 -13.05 20.85
CA LEU A 37 4.84 -12.65 20.00
C LEU A 37 3.99 -11.52 20.55
N VAL A 38 3.93 -10.42 19.81
CA VAL A 38 3.13 -9.27 20.22
C VAL A 38 1.93 -9.16 19.28
N LYS A 39 0.75 -9.11 19.89
CA LYS A 39 -0.48 -8.97 19.15
C LYS A 39 -0.88 -7.51 19.37
N VAL A 40 -0.97 -6.74 18.28
CA VAL A 40 -1.30 -5.32 18.42
C VAL A 40 -2.58 -4.91 17.69
N GLU A 41 -3.45 -4.21 18.40
CA GLU A 41 -4.67 -3.73 17.78
C GLU A 41 -4.62 -2.21 17.69
N VAL A 42 -4.73 -1.70 16.48
CA VAL A 42 -4.72 -0.26 16.29
C VAL A 42 -6.10 0.14 15.79
N SER A 43 -6.58 1.31 16.22
CA SER A 43 -7.91 1.74 15.81
C SER A 43 -8.14 3.22 15.95
N VAL A 44 -9.18 3.70 15.27
CA VAL A 44 -9.55 5.10 15.32
C VAL A 44 -11.05 5.18 15.60
N GLY A 45 -11.44 6.03 16.54
CA GLY A 45 -12.85 6.22 16.90
C GLY A 45 -13.58 4.90 17.19
N LYS A 46 -13.00 4.11 18.11
CA LYS A 46 -13.61 2.83 18.49
C LYS A 46 -14.78 3.04 19.47
N GLU A 47 -14.74 4.20 20.16
CA GLU A 47 -15.86 4.59 21.01
C GLU A 47 -16.79 5.55 20.25
N ILE A 48 -16.23 6.75 19.97
CA ILE A 48 -16.92 7.70 19.10
C ILE A 48 -16.47 7.52 17.66
N PRO A 49 -17.22 6.72 16.90
CA PRO A 49 -16.89 6.43 15.51
C PRO A 49 -16.56 7.69 14.70
N HIS A 50 -15.48 7.60 13.93
CA HIS A 50 -15.18 8.62 12.95
C HIS A 50 -16.07 8.44 11.74
N PRO A 51 -16.38 9.55 11.05
CA PRO A 51 -17.11 9.45 9.81
C PRO A 51 -16.45 8.42 8.88
N ASN A 52 -17.29 7.54 8.35
CA ASN A 52 -16.78 6.57 7.37
C ASN A 52 -17.62 6.63 6.10
N THR A 53 -17.25 7.54 5.19
CA THR A 53 -17.95 7.73 3.93
C THR A 53 -16.91 7.96 2.84
N PRO A 54 -17.31 7.86 1.56
CA PRO A 54 -16.36 8.08 0.48
C PRO A 54 -15.67 9.42 0.57
N GLU A 55 -16.43 10.44 0.97
CA GLU A 55 -15.93 11.81 1.10
C GLU A 55 -15.08 12.01 2.36
N HIS A 56 -15.37 11.27 3.42
CA HIS A 56 -14.62 11.43 4.66
C HIS A 56 -14.44 10.11 5.40
N HIS A 57 -13.18 9.80 5.70
CA HIS A 57 -12.84 8.54 6.34
C HIS A 57 -11.37 8.42 6.75
N ILE A 58 -11.08 7.37 7.49
CA ILE A 58 -9.72 7.07 7.91
C ILE A 58 -9.29 6.10 6.78
N ALA A 59 -8.19 6.40 6.10
CA ALA A 59 -7.71 5.56 5.02
C ALA A 59 -6.74 4.47 5.40
N TRP A 60 -5.85 4.77 6.34
CA TRP A 60 -4.87 3.78 6.75
C TRP A 60 -4.19 4.05 8.09
N ILE A 61 -3.43 3.06 8.53
CA ILE A 61 -2.67 3.16 9.77
C ILE A 61 -1.35 2.40 9.58
N GLU A 62 -0.26 2.99 10.06
CA GLU A 62 1.04 2.35 9.99
C GLU A 62 1.50 2.13 11.44
N LEU A 63 2.05 0.95 11.72
CA LEU A 63 2.52 0.60 13.05
C LEU A 63 4.02 0.47 13.06
N TYR A 64 4.67 1.31 13.84
CA TYR A 64 6.12 1.28 13.94
C TYR A 64 6.57 0.81 15.32
N PHE A 65 7.76 0.22 15.34
CA PHE A 65 8.33 -0.23 16.58
C PHE A 65 9.72 0.37 16.70
N HIS A 66 9.93 1.17 17.73
CA HIS A 66 11.24 1.77 17.97
C HIS A 66 11.86 1.03 19.14
N PRO A 67 12.67 0.02 18.85
CA PRO A 67 13.30 -0.76 19.91
C PRO A 67 14.31 0.05 20.72
N GLU A 68 14.36 -0.22 22.02
CA GLU A 68 15.36 0.41 22.87
C GLU A 68 16.74 -0.05 22.45
N GLY A 69 17.71 0.86 22.57
CA GLY A 69 19.02 0.51 22.01
C GLY A 69 18.90 0.34 20.49
N GLY A 70 18.02 1.17 19.89
CA GLY A 70 17.94 1.24 18.43
C GLY A 70 17.72 2.70 18.00
N GLN A 71 18.48 3.12 16.98
CA GLN A 71 18.42 4.52 16.59
C GLN A 71 17.14 4.84 15.80
N PHE A 72 16.64 3.92 15.00
CA PHE A 72 15.46 4.20 14.18
C PHE A 72 14.25 3.31 14.39
N PRO A 73 13.06 3.86 14.14
CA PRO A 73 11.79 3.14 14.27
C PRO A 73 11.63 2.24 13.05
N ILE A 74 11.08 1.05 13.23
CA ILE A 74 10.94 0.10 12.14
C ILE A 74 9.47 -0.14 11.80
N LEU A 75 9.11 -0.04 10.52
CA LEU A 75 7.72 -0.26 10.13
C LEU A 75 7.40 -1.75 10.28
N VAL A 76 6.45 -2.07 11.14
CA VAL A 76 6.06 -3.46 11.37
C VAL A 76 5.00 -3.88 10.35
N GLY A 77 4.02 -3.00 10.17
CA GLY A 77 2.95 -3.28 9.23
C GLY A 77 2.11 -2.06 8.90
N ARG A 78 1.43 -2.14 7.76
CA ARG A 78 0.56 -1.06 7.32
C ARG A 78 -0.76 -1.65 6.88
N VAL A 79 -1.85 -0.97 7.23
CA VAL A 79 -3.18 -1.46 6.85
C VAL A 79 -4.02 -0.40 6.14
N GLU A 80 -4.70 -0.80 5.09
CA GLU A 80 -5.56 0.13 4.35
C GLU A 80 -7.02 -0.31 4.45
N PHE A 81 -7.87 0.64 4.79
CA PHE A 81 -9.31 0.43 4.92
C PHE A 81 -9.83 1.04 3.63
N THR A 82 -10.02 0.19 2.63
CA THR A 82 -10.37 0.66 1.30
C THR A 82 -11.79 0.85 0.80
N ASN A 83 -12.80 0.41 1.54
CA ASN A 83 -14.17 0.65 1.08
C ASN A 83 -14.93 1.38 2.16
N HIS A 84 -15.73 2.37 1.76
CA HIS A 84 -16.44 3.17 2.75
C HIS A 84 -17.95 3.35 2.52
N SER A 85 -18.61 2.34 1.95
CA SER A 85 -20.05 2.35 1.67
C SER A 85 -20.62 1.06 2.23
N ASP A 86 -20.57 0.01 1.44
CA ASP A 86 -21.04 -1.29 1.86
C ASP A 86 -20.26 -2.28 1.02
N PRO A 87 -19.34 -3.02 1.63
CA PRO A 87 -19.05 -2.99 3.07
C PRO A 87 -18.38 -1.73 3.59
N LEU A 88 -18.44 -1.56 4.90
CA LEU A 88 -17.86 -0.41 5.55
C LEU A 88 -16.62 -0.92 6.28
N THR A 89 -15.45 -0.62 5.74
CA THR A 89 -14.22 -1.05 6.38
C THR A 89 -14.00 -0.17 7.60
N GLU A 90 -14.09 -0.76 8.78
CA GLU A 90 -13.88 -0.03 9.99
C GLU A 90 -12.38 0.22 10.15
N PRO A 91 -12.00 1.45 10.53
CA PRO A 91 -10.59 1.76 10.71
C PRO A 91 -10.01 1.12 11.98
N ARG A 92 -9.91 -0.21 11.94
CA ARG A 92 -9.39 -0.98 13.06
C ARG A 92 -8.74 -2.26 12.54
N ALA A 93 -7.54 -2.58 13.05
CA ALA A 93 -6.81 -3.77 12.63
C ALA A 93 -5.94 -4.36 13.74
N VAL A 94 -5.57 -5.62 13.53
CA VAL A 94 -4.72 -6.35 14.46
C VAL A 94 -3.51 -6.91 13.72
N PHE A 95 -2.32 -6.64 14.26
CA PHE A 95 -1.08 -7.12 13.68
C PHE A 95 -0.44 -8.10 14.62
N PHE A 96 0.47 -8.91 14.06
CA PHE A 96 1.21 -9.89 14.83
C PHE A 96 2.67 -9.84 14.37
N PHE A 97 3.58 -9.75 15.32
CA PHE A 97 4.99 -9.72 14.96
C PHE A 97 5.78 -10.27 16.13
N LYS A 98 6.87 -10.97 15.82
CA LYS A 98 7.71 -11.56 16.85
C LYS A 98 8.93 -10.69 17.13
N THR A 99 9.24 -10.52 18.40
CA THR A 99 10.42 -9.77 18.85
C THR A 99 10.67 -9.96 20.35
N SER A 100 11.95 -10.17 20.69
CA SER A 100 12.29 -10.30 22.10
C SER A 100 12.61 -8.95 22.76
N LYS A 101 12.78 -7.92 21.88
CA LYS A 101 13.16 -6.60 22.39
C LYS A 101 11.97 -5.85 22.99
N LYS A 102 12.33 -4.75 23.65
CA LYS A 102 11.35 -3.89 24.30
C LYS A 102 11.54 -2.50 23.73
N GLY A 103 10.53 -1.66 23.81
CA GLY A 103 10.68 -0.32 23.27
C GLY A 103 9.41 0.46 23.23
N LYS A 104 9.21 1.18 22.13
CA LYS A 104 8.08 2.08 21.92
C LYS A 104 7.32 1.71 20.65
N LEU A 105 5.99 1.70 20.67
CA LEU A 105 5.18 1.44 19.48
C LEU A 105 4.51 2.73 19.01
N TYR A 106 4.70 3.08 17.74
CA TYR A 106 4.08 4.29 17.19
C TYR A 106 3.02 3.88 16.17
N ALA A 107 1.94 4.67 16.13
CA ALA A 107 0.86 4.41 15.20
C ALA A 107 0.60 5.69 14.44
N LEU A 108 0.60 5.61 13.11
CA LEU A 108 0.36 6.79 12.30
C LEU A 108 -0.89 6.55 11.47
N SER A 109 -1.94 7.34 11.68
CA SER A 109 -3.15 7.16 10.89
C SER A 109 -3.39 8.39 10.01
N TYR A 110 -4.15 8.20 8.94
CA TYR A 110 -4.42 9.28 8.01
C TYR A 110 -5.90 9.44 7.64
N CYS A 111 -6.43 10.65 7.84
CA CYS A 111 -7.81 10.95 7.47
C CYS A 111 -7.73 11.67 6.12
N ASN A 112 -8.55 11.26 5.17
CA ASN A 112 -8.51 11.89 3.86
C ASN A 112 -8.72 13.41 3.86
N ILE A 113 -9.35 13.97 4.90
CA ILE A 113 -9.55 15.42 4.92
C ILE A 113 -8.98 16.12 6.15
N HIS A 114 -8.41 15.36 7.09
CA HIS A 114 -7.82 15.94 8.30
C HIS A 114 -6.34 15.58 8.53
N GLY A 115 -5.68 15.12 7.47
CA GLY A 115 -4.28 14.79 7.58
C GLY A 115 -3.84 13.67 8.50
N LEU A 116 -2.58 13.78 8.94
CA LEU A 116 -1.89 12.82 9.77
C LEU A 116 -2.05 12.94 11.28
N TRP A 117 -2.18 11.78 11.93
CA TRP A 117 -2.32 11.71 13.39
C TRP A 117 -1.41 10.61 13.92
N GLU A 118 -0.82 10.86 15.08
CA GLU A 118 0.10 9.89 15.65
C GLU A 118 -0.22 9.62 17.11
N ASN A 119 0.39 8.56 17.61
CA ASN A 119 0.23 8.16 18.99
C ASN A 119 1.32 7.14 19.30
N GLU A 120 1.58 6.91 20.57
CA GLU A 120 2.61 5.97 20.95
C GLU A 120 2.29 5.29 22.27
N VAL A 121 2.89 4.12 22.49
CA VAL A 121 2.70 3.38 23.74
C VAL A 121 3.96 2.58 23.99
N GLN A 122 4.29 2.39 25.26
CA GLN A 122 5.48 1.63 25.60
C GLN A 122 5.20 0.14 25.49
N LEU A 123 6.10 -0.57 24.82
CA LEU A 123 5.96 -2.01 24.70
C LEU A 123 6.78 -2.63 25.82
N GLU A 124 6.15 -2.93 26.94
CA GLU A 124 6.84 -3.54 28.07
C GLU A 124 7.09 -5.03 27.85
N MET B 10 -1.19 -14.27 -19.32
CA MET B 10 -2.17 -13.62 -18.42
C MET B 10 -1.67 -13.74 -16.97
N LEU B 11 -1.58 -12.61 -16.26
CA LEU B 11 -1.15 -12.62 -14.86
C LEU B 11 -2.17 -13.41 -14.08
N LYS B 12 -3.43 -13.22 -14.46
CA LYS B 12 -4.56 -13.90 -13.85
C LYS B 12 -4.31 -15.41 -13.74
N GLU B 13 -3.72 -15.99 -14.80
CA GLU B 13 -3.45 -17.44 -14.82
C GLU B 13 -2.27 -17.84 -13.95
N THR B 14 -1.52 -16.88 -13.45
CA THR B 14 -0.35 -17.18 -12.62
C THR B 14 -0.76 -17.30 -11.16
N ILE B 15 -1.99 -16.90 -10.86
CA ILE B 15 -2.48 -16.96 -9.49
C ILE B 15 -2.78 -18.40 -9.14
N ARG B 16 -2.20 -18.86 -8.02
CA ARG B 16 -2.36 -20.24 -7.52
C ARG B 16 -3.30 -20.43 -6.34
N SER B 17 -4.00 -21.55 -6.33
CA SER B 17 -4.89 -21.86 -5.23
C SER B 17 -4.59 -23.21 -4.57
N GLY B 18 -3.47 -23.80 -4.98
CA GLY B 18 -3.07 -25.09 -4.43
C GLY B 18 -1.61 -25.08 -4.01
N ASP B 19 -1.34 -25.50 -2.79
CA ASP B 19 0.03 -25.54 -2.29
C ASP B 19 0.80 -26.73 -2.85
N TRP B 20 2.13 -26.59 -2.85
CA TRP B 20 3.00 -27.67 -3.30
C TRP B 20 3.64 -28.15 -2.00
N LYS B 21 3.97 -29.44 -1.89
CA LYS B 21 4.41 -30.02 -0.63
C LYS B 21 5.59 -29.25 0.00
N GLY B 22 5.40 -28.81 1.25
CA GLY B 22 6.54 -28.33 2.04
C GLY B 22 6.67 -26.80 2.09
N GLU B 23 5.56 -26.09 1.76
CA GLU B 23 5.50 -24.63 1.98
C GLU B 23 4.07 -24.11 1.87
N LYS B 24 3.63 -23.47 2.96
CA LYS B 24 2.31 -22.87 2.90
C LYS B 24 2.33 -21.50 2.19
N HIS B 25 1.39 -21.30 1.27
CA HIS B 25 1.25 -20.02 0.57
C HIS B 25 -0.22 -19.63 0.51
N VAL B 26 -1.08 -20.62 0.36
CA VAL B 26 -2.51 -20.36 0.28
C VAL B 26 -2.97 -19.73 1.56
N PRO B 27 -3.55 -18.53 1.48
CA PRO B 27 -4.04 -17.78 2.63
C PRO B 27 -5.31 -18.40 3.20
N VAL B 28 -5.36 -18.50 4.54
CA VAL B 28 -6.51 -19.06 5.22
C VAL B 28 -7.42 -17.93 5.66
N ILE B 29 -8.73 -18.09 5.45
CA ILE B 29 -9.72 -17.07 5.80
C ILE B 29 -10.70 -17.57 6.87
N GLU B 30 -10.73 -16.88 8.01
CA GLU B 30 -11.64 -17.26 9.08
C GLU B 30 -12.44 -16.03 9.46
N TYR B 31 -13.75 -16.17 9.55
CA TYR B 31 -14.56 -15.03 9.90
C TYR B 31 -15.52 -15.34 11.02
N GLU B 32 -15.98 -14.29 11.69
CA GLU B 32 -16.91 -14.37 12.79
C GLU B 32 -17.85 -13.19 12.57
N ARG B 33 -19.13 -13.49 12.35
CA ARG B 33 -20.13 -12.47 12.09
C ARG B 33 -21.19 -12.38 13.15
N GLU B 34 -21.27 -11.20 13.78
CA GLU B 34 -22.33 -10.94 14.72
C GLU B 34 -23.18 -9.81 14.21
N GLY B 35 -24.33 -10.21 13.67
CA GLY B 35 -25.24 -9.27 13.03
C GLY B 35 -24.66 -8.70 11.74
N ASP B 36 -24.54 -7.37 11.71
CA ASP B 36 -23.94 -6.72 10.54
C ASP B 36 -22.42 -6.61 10.67
N LEU B 37 -21.92 -6.99 11.86
CA LEU B 37 -20.47 -6.86 12.11
C LEU B 37 -19.68 -8.10 11.66
N VAL B 38 -18.68 -7.91 10.82
CA VAL B 38 -17.87 -9.04 10.38
C VAL B 38 -16.42 -8.85 10.82
N LYS B 39 -15.84 -9.93 11.33
CA LYS B 39 -14.46 -9.95 11.78
C LYS B 39 -13.76 -11.00 10.92
N VAL B 40 -12.71 -10.60 10.22
CA VAL B 40 -12.00 -11.51 9.35
C VAL B 40 -10.52 -11.67 9.68
N GLU B 41 -10.09 -12.92 9.83
CA GLU B 41 -8.69 -13.20 10.10
C GLU B 41 -8.14 -13.87 8.86
N VAL B 42 -7.04 -13.32 8.33
CA VAL B 42 -6.39 -13.89 7.16
C VAL B 42 -4.95 -14.21 7.57
N SER B 43 -4.39 -15.26 7.00
CA SER B 43 -3.04 -15.64 7.37
C SER B 43 -2.45 -16.67 6.44
N VAL B 44 -1.13 -16.77 6.50
CA VAL B 44 -0.40 -17.73 5.67
C VAL B 44 0.51 -18.56 6.55
N GLY B 45 0.25 -19.86 6.62
CA GLY B 45 1.10 -20.72 7.45
C GLY B 45 1.07 -20.45 8.94
N LYS B 46 -0.13 -20.40 9.49
CA LYS B 46 -0.35 -20.17 10.89
C LYS B 46 0.21 -21.33 11.76
N GLU B 47 0.03 -22.55 11.27
CA GLU B 47 0.45 -23.77 11.95
C GLU B 47 1.81 -24.27 11.48
N ILE B 48 2.01 -24.24 10.17
CA ILE B 48 3.29 -24.64 9.59
C ILE B 48 3.76 -23.39 8.84
N PRO B 49 4.48 -22.52 9.55
CA PRO B 49 5.03 -21.26 9.03
C PRO B 49 5.71 -21.27 7.69
N HIS B 50 5.59 -20.16 7.00
CA HIS B 50 6.22 -19.96 5.70
C HIS B 50 7.50 -19.20 6.04
N PRO B 51 8.56 -19.34 5.24
CA PRO B 51 9.78 -18.61 5.57
C PRO B 51 9.53 -17.11 5.67
N ASN B 52 10.17 -16.48 6.66
CA ASN B 52 10.04 -15.05 6.87
C ASN B 52 11.44 -14.46 7.06
N THR B 53 12.08 -14.09 5.96
CA THR B 53 13.41 -13.50 5.96
C THR B 53 13.37 -12.35 4.97
N PRO B 54 14.37 -11.46 5.01
CA PRO B 54 14.40 -10.33 4.07
C PRO B 54 14.42 -10.78 2.61
N GLU B 55 14.94 -11.97 2.38
CA GLU B 55 15.02 -12.51 1.03
C GLU B 55 13.77 -13.26 0.62
N HIS B 56 13.09 -13.85 1.58
CA HIS B 56 11.90 -14.62 1.28
C HIS B 56 10.84 -14.42 2.33
N HIS B 57 9.65 -14.02 1.92
CA HIS B 57 8.56 -13.79 2.88
C HIS B 57 7.20 -13.53 2.19
N ILE B 58 6.17 -13.47 3.01
CA ILE B 58 4.81 -13.18 2.53
C ILE B 58 4.74 -11.66 2.76
N ALA B 59 4.66 -10.91 1.67
CA ALA B 59 4.64 -9.45 1.76
C ALA B 59 3.32 -8.80 2.12
N TRP B 60 2.22 -9.36 1.63
CA TRP B 60 0.91 -8.77 1.93
C TRP B 60 -0.25 -9.70 1.60
N ILE B 61 -1.42 -9.32 2.11
CA ILE B 61 -2.67 -10.04 1.87
C ILE B 61 -3.77 -9.01 1.66
N GLU B 62 -4.61 -9.22 0.65
CA GLU B 62 -5.72 -8.31 0.36
C GLU B 62 -7.03 -9.06 0.57
N LEU B 63 -8.03 -8.39 1.12
CA LEU B 63 -9.33 -9.02 1.34
C LEU B 63 -10.42 -8.39 0.49
N TYR B 64 -11.07 -9.20 -0.35
CA TYR B 64 -12.16 -8.74 -1.21
C TYR B 64 -13.48 -9.36 -0.78
N PHE B 65 -14.57 -8.64 -0.98
CA PHE B 65 -15.91 -9.15 -0.66
C PHE B 65 -16.75 -9.01 -1.91
N HIS B 66 -17.27 -10.12 -2.41
CA HIS B 66 -18.09 -10.15 -3.61
C HIS B 66 -19.53 -10.47 -3.24
N PRO B 67 -20.36 -9.43 -3.00
CA PRO B 67 -21.70 -9.73 -2.56
C PRO B 67 -22.51 -10.45 -3.64
N GLU B 68 -23.47 -11.29 -3.19
CA GLU B 68 -24.35 -11.93 -4.15
C GLU B 68 -25.23 -10.91 -4.87
N GLY B 69 -25.61 -11.23 -6.11
CA GLY B 69 -26.23 -10.21 -6.93
C GLY B 69 -25.29 -9.01 -7.05
N GLY B 70 -23.99 -9.34 -7.16
CA GLY B 70 -22.98 -8.29 -7.32
C GLY B 70 -22.05 -8.66 -8.48
N GLN B 71 -21.70 -7.63 -9.26
CA GLN B 71 -20.96 -7.90 -10.49
C GLN B 71 -19.45 -7.92 -10.24
N PHE B 72 -19.00 -7.10 -9.27
CA PHE B 72 -17.58 -6.93 -9.04
C PHE B 72 -17.18 -7.24 -7.60
N PRO B 73 -15.98 -7.79 -7.37
CA PRO B 73 -15.54 -7.98 -5.99
C PRO B 73 -15.09 -6.60 -5.49
N ILE B 74 -15.31 -6.33 -4.21
CA ILE B 74 -14.93 -5.04 -3.61
C ILE B 74 -13.78 -5.23 -2.63
N LEU B 75 -12.73 -4.43 -2.77
CA LEU B 75 -11.58 -4.51 -1.88
C LEU B 75 -11.93 -3.93 -0.51
N VAL B 76 -11.96 -4.79 0.50
CA VAL B 76 -12.28 -4.35 1.86
C VAL B 76 -11.05 -3.76 2.54
N GLY B 77 -9.92 -4.45 2.44
CA GLY B 77 -8.72 -3.94 3.05
C GLY B 77 -7.44 -4.58 2.55
N ARG B 78 -6.32 -3.96 2.90
CA ARG B 78 -5.03 -4.46 2.50
C ARG B 78 -4.06 -4.26 3.65
N VAL B 79 -3.34 -5.32 4.01
CA VAL B 79 -2.38 -5.24 5.09
C VAL B 79 -1.00 -5.65 4.59
N GLU B 80 0.02 -4.92 5.01
CA GLU B 80 1.38 -5.20 4.58
C GLU B 80 2.25 -5.60 5.77
N PHE B 81 2.97 -6.70 5.63
CA PHE B 81 3.88 -7.18 6.66
C PHE B 81 5.21 -6.67 6.15
N THR B 82 5.64 -5.53 6.70
CA THR B 82 6.83 -4.83 6.27
C THR B 82 8.23 -5.08 6.84
N ASN B 83 8.38 -5.87 7.89
CA ASN B 83 9.74 -6.14 8.38
C ASN B 83 9.92 -7.65 8.44
N HIS B 84 11.16 -8.11 8.32
CA HIS B 84 11.40 -9.54 8.31
C HIS B 84 12.67 -10.04 9.00
N SER B 85 13.11 -9.30 10.02
CA SER B 85 14.30 -9.64 10.81
C SER B 85 13.85 -9.62 12.26
N ASP B 86 13.90 -8.43 12.85
CA ASP B 86 13.45 -8.22 14.21
C ASP B 86 13.05 -6.76 14.27
N PRO B 87 11.75 -6.50 14.42
CA PRO B 87 10.73 -7.56 14.52
C PRO B 87 10.44 -8.36 13.27
N LEU B 88 9.90 -9.56 13.47
CA LEU B 88 9.53 -10.44 12.39
C LEU B 88 8.02 -10.22 12.25
N THR B 89 7.59 -9.60 11.15
CA THR B 89 6.17 -9.37 10.98
C THR B 89 5.48 -10.62 10.47
N GLU B 90 4.49 -11.06 11.23
CA GLU B 90 3.72 -12.26 10.90
C GLU B 90 2.71 -12.01 9.79
N PRO B 91 2.64 -12.93 8.81
CA PRO B 91 1.70 -12.79 7.70
C PRO B 91 0.34 -13.28 8.23
N ARG B 92 -0.18 -12.52 9.18
CA ARG B 92 -1.44 -12.81 9.84
C ARG B 92 -2.04 -11.48 10.29
N ALA B 93 -3.34 -11.30 10.02
CA ALA B 93 -4.00 -10.06 10.41
C ALA B 93 -5.52 -10.21 10.53
N VAL B 94 -6.14 -9.24 11.21
CA VAL B 94 -7.57 -9.24 11.40
C VAL B 94 -8.15 -7.94 10.84
N PHE B 95 -9.25 -8.07 10.08
CA PHE B 95 -9.97 -6.94 9.48
C PHE B 95 -11.36 -6.84 10.10
N PHE B 96 -11.95 -5.65 10.06
CA PHE B 96 -13.28 -5.42 10.60
C PHE B 96 -14.15 -4.62 9.63
N PHE B 97 -15.32 -5.11 9.31
CA PHE B 97 -16.19 -4.37 8.40
C PHE B 97 -17.68 -4.64 8.63
N LYS B 98 -18.47 -3.64 8.26
CA LYS B 98 -19.91 -3.71 8.42
C LYS B 98 -20.56 -3.91 7.05
N THR B 99 -21.52 -4.82 7.00
CA THR B 99 -22.31 -5.13 5.82
C THR B 99 -23.53 -5.99 6.15
N SER B 100 -24.59 -5.78 5.36
CA SER B 100 -25.79 -6.59 5.59
C SER B 100 -25.98 -7.63 4.49
N LYS B 101 -25.03 -7.66 3.52
CA LYS B 101 -25.14 -8.58 2.39
C LYS B 101 -24.47 -9.92 2.68
N LYS B 102 -24.88 -10.92 1.93
CA LYS B 102 -24.30 -12.24 2.01
C LYS B 102 -23.44 -12.31 0.76
N GLY B 103 -22.44 -13.17 0.76
CA GLY B 103 -21.60 -13.25 -0.43
C GLY B 103 -20.36 -14.10 -0.22
N LYS B 104 -19.38 -13.91 -1.10
CA LYS B 104 -18.15 -14.66 -1.02
C LYS B 104 -16.98 -13.76 -0.65
N LEU B 105 -16.08 -14.27 0.20
CA LEU B 105 -14.90 -13.54 0.62
C LEU B 105 -13.68 -14.12 -0.08
N TYR B 106 -12.76 -13.27 -0.50
CA TYR B 106 -11.55 -13.73 -1.18
C TYR B 106 -10.31 -13.14 -0.55
N ALA B 107 -9.24 -13.92 -0.52
CA ALA B 107 -7.97 -13.49 0.01
C ALA B 107 -6.94 -13.64 -1.10
N LEU B 108 -6.17 -12.59 -1.34
CA LEU B 108 -5.13 -12.61 -2.38
C LEU B 108 -3.85 -12.33 -1.64
N SER B 109 -2.89 -13.25 -1.69
CA SER B 109 -1.63 -13.03 -0.98
C SER B 109 -0.42 -13.09 -1.92
N TYR B 110 0.68 -12.47 -1.49
CA TYR B 110 1.89 -12.41 -2.29
C TYR B 110 3.18 -12.77 -1.59
N CYS B 111 3.90 -13.72 -2.17
CA CYS B 111 5.19 -14.11 -1.65
C CYS B 111 6.15 -13.40 -2.60
N ASN B 112 7.16 -12.74 -2.07
CA ASN B 112 8.06 -12.01 -2.96
C ASN B 112 8.84 -12.84 -3.98
N ILE B 113 8.80 -14.16 -3.89
CA ILE B 113 9.50 -14.99 -4.86
C ILE B 113 8.64 -16.12 -5.41
N HIS B 114 7.46 -16.32 -4.83
CA HIS B 114 6.57 -17.37 -5.27
C HIS B 114 5.24 -16.85 -5.82
N GLY B 115 5.19 -15.55 -6.09
CA GLY B 115 4.00 -14.93 -6.66
C GLY B 115 2.73 -14.83 -5.86
N LEU B 116 1.63 -14.70 -6.60
CA LEU B 116 0.29 -14.52 -6.06
C LEU B 116 -0.46 -15.82 -5.76
N TRP B 117 -1.24 -15.78 -4.68
CA TRP B 117 -2.04 -16.92 -4.24
C TRP B 117 -3.42 -16.45 -3.81
N GLU B 118 -4.40 -17.36 -3.87
CA GLU B 118 -5.74 -16.98 -3.49
C GLU B 118 -6.54 -18.11 -2.85
N ASN B 119 -7.64 -17.72 -2.20
CA ASN B 119 -8.53 -18.66 -1.55
C ASN B 119 -9.84 -17.93 -1.34
N GLU B 120 -10.87 -18.67 -0.94
CA GLU B 120 -12.17 -18.06 -0.73
C GLU B 120 -12.94 -18.76 0.38
N VAL B 121 -13.99 -18.09 0.86
CA VAL B 121 -14.86 -18.62 1.90
C VAL B 121 -16.22 -17.96 1.74
N GLN B 122 -17.26 -18.73 1.98
CA GLN B 122 -18.63 -18.23 1.86
C GLN B 122 -18.98 -17.39 3.09
N LEU B 123 -19.40 -16.15 2.88
CA LEU B 123 -19.79 -15.31 4.00
C LEU B 123 -21.28 -15.50 4.23
N GLU B 124 -21.63 -16.49 5.04
CA GLU B 124 -23.02 -16.79 5.35
C GLU B 124 -23.61 -15.79 6.33
N MET C 10 7.34 11.27 19.90
CA MET C 10 6.67 10.19 19.11
C MET C 10 7.33 10.03 17.74
N LEU C 11 6.53 9.75 16.73
CA LEU C 11 7.05 9.57 15.37
C LEU C 11 7.67 10.84 14.82
N LYS C 12 7.04 11.99 15.09
CA LYS C 12 7.56 13.28 14.61
C LYS C 12 9.06 13.39 14.71
N GLU C 13 9.58 13.12 15.91
CA GLU C 13 10.99 13.22 16.21
C GLU C 13 11.90 12.24 15.48
N THR C 14 11.33 11.19 14.90
CA THR C 14 12.15 10.21 14.20
C THR C 14 12.41 10.59 12.75
N ILE C 15 11.62 11.51 12.22
CA ILE C 15 11.74 11.95 10.83
C ILE C 15 12.93 12.88 10.62
N ARG C 16 13.90 12.43 9.82
CA ARG C 16 15.12 13.17 9.56
C ARG C 16 15.07 13.91 8.24
N SER C 17 16.12 14.71 8.05
CA SER C 17 16.31 15.42 6.78
C SER C 17 17.75 15.89 6.68
N GLY C 18 18.64 15.10 7.29
CA GLY C 18 20.06 15.43 7.25
C GLY C 18 20.72 14.87 6.00
N ASP C 19 21.21 13.66 6.23
CA ASP C 19 21.94 12.94 5.20
C ASP C 19 22.52 11.72 5.89
N TRP C 20 22.01 10.53 5.55
CA TRP C 20 22.47 9.44 6.41
C TRP C 20 23.81 8.87 5.93
N GLU C 23 25.33 9.19 3.07
CA GLU C 23 24.51 8.25 2.36
C GLU C 23 23.13 8.87 2.17
N LYS C 24 22.84 9.28 0.94
CA LYS C 24 21.58 9.96 0.55
C LYS C 24 20.28 9.19 0.90
N HIS C 25 19.46 9.82 1.75
CA HIS C 25 18.16 9.30 2.15
C HIS C 25 17.09 10.35 1.83
N VAL C 26 17.47 11.61 1.97
CA VAL C 26 16.58 12.74 1.72
C VAL C 26 15.95 12.64 0.33
N PRO C 27 14.61 12.48 0.29
CA PRO C 27 13.86 12.38 -0.96
C PRO C 27 13.78 13.68 -1.74
N VAL C 28 14.19 13.63 -3.00
CA VAL C 28 14.15 14.81 -3.86
C VAL C 28 12.80 14.93 -4.56
N ILE C 29 12.28 16.16 -4.62
CA ILE C 29 11.01 16.45 -5.27
C ILE C 29 11.22 17.39 -6.45
N GLU C 30 10.80 16.97 -7.63
CA GLU C 30 10.91 17.82 -8.81
C GLU C 30 9.56 17.79 -9.51
N TYR C 31 9.12 18.93 -10.03
CA TYR C 31 7.83 18.96 -10.70
C TYR C 31 7.74 19.81 -11.96
N GLU C 32 6.76 19.48 -12.79
CA GLU C 32 6.52 20.23 -14.01
C GLU C 32 5.06 20.61 -13.98
N ARG C 33 4.77 21.82 -14.40
CA ARG C 33 3.41 22.31 -14.39
C ARG C 33 2.91 22.73 -15.77
N GLU C 34 1.70 22.30 -16.10
CA GLU C 34 1.07 22.65 -17.37
C GLU C 34 -0.38 22.91 -16.99
N GLY C 35 -0.67 24.16 -16.63
CA GLY C 35 -2.02 24.49 -16.21
C GLY C 35 -2.29 23.94 -14.81
N ASP C 36 -3.35 23.14 -14.71
CA ASP C 36 -3.65 22.52 -13.44
C ASP C 36 -2.89 21.20 -13.27
N LEU C 37 -2.39 20.67 -14.41
CA LEU C 37 -1.70 19.38 -14.40
C LEU C 37 -0.25 19.51 -13.90
N VAL C 38 0.02 18.83 -12.78
CA VAL C 38 1.34 18.83 -12.19
C VAL C 38 1.98 17.44 -12.28
N LYS C 39 3.14 17.38 -12.90
CA LYS C 39 3.96 16.22 -13.08
C LYS C 39 4.96 16.21 -11.96
N VAL C 40 4.92 15.30 -11.00
CA VAL C 40 5.87 15.33 -9.91
C VAL C 40 6.73 14.08 -9.85
N GLU C 41 8.04 14.27 -9.86
CA GLU C 41 8.98 13.16 -9.77
C GLU C 41 9.67 13.16 -8.41
N VAL C 42 9.55 12.06 -7.68
CA VAL C 42 10.19 11.94 -6.37
C VAL C 42 11.25 10.85 -6.46
N SER C 43 12.36 11.04 -5.77
CA SER C 43 13.42 10.03 -5.82
C SER C 43 14.35 10.09 -4.64
N VAL C 44 15.13 9.04 -4.46
CA VAL C 44 16.10 8.96 -3.38
C VAL C 44 17.44 8.52 -3.93
N GLY C 45 18.43 9.42 -3.87
CA GLY C 45 19.75 9.09 -4.34
C GLY C 45 19.97 8.82 -5.81
N LYS C 46 19.43 9.67 -6.67
CA LYS C 46 19.67 9.48 -8.09
C LYS C 46 21.09 9.88 -8.44
N GLU C 47 21.67 10.76 -7.64
CA GLU C 47 23.02 11.22 -7.88
C GLU C 47 23.79 10.14 -7.18
N ILE C 48 23.79 10.20 -5.86
CA ILE C 48 24.43 9.20 -5.03
C ILE C 48 23.52 8.01 -4.65
N PRO C 49 23.49 6.95 -5.48
CA PRO C 49 22.66 5.75 -5.23
C PRO C 49 22.67 5.21 -3.80
N HIS C 50 21.47 5.00 -3.26
CA HIS C 50 21.31 4.46 -1.92
C HIS C 50 21.39 2.96 -2.13
N PRO C 51 21.81 2.22 -1.09
CA PRO C 51 21.89 0.77 -1.27
C PRO C 51 20.53 0.27 -1.74
N ASN C 52 20.52 -0.85 -2.44
CA ASN C 52 19.27 -1.42 -2.92
C ASN C 52 19.39 -2.94 -2.93
N THR C 53 19.21 -3.54 -1.74
CA THR C 53 19.29 -4.98 -1.60
C THR C 53 18.11 -5.44 -0.74
N PRO C 54 17.91 -6.76 -0.65
CA PRO C 54 16.80 -7.25 0.18
C PRO C 54 16.86 -6.79 1.63
N GLU C 55 18.07 -6.60 2.13
CA GLU C 55 18.30 -6.15 3.51
C GLU C 55 18.32 -4.65 3.73
N HIS C 56 18.72 -3.92 2.70
CA HIS C 56 18.78 -2.48 2.83
C HIS C 56 18.29 -1.83 1.55
N HIS C 57 17.20 -1.08 1.69
CA HIS C 57 16.59 -0.43 0.55
C HIS C 57 15.56 0.61 0.97
N ILE C 58 15.15 1.42 0.01
CA ILE C 58 14.10 2.41 0.24
C ILE C 58 12.86 1.65 -0.22
N ALA C 59 11.88 1.52 0.66
CA ALA C 59 10.65 0.78 0.38
C ALA C 59 9.54 1.58 -0.28
N TRP C 60 9.35 2.82 0.13
CA TRP C 60 8.29 3.64 -0.44
C TRP C 60 8.52 5.14 -0.24
N ILE C 61 7.64 5.92 -0.88
CA ILE C 61 7.66 7.38 -0.80
C ILE C 61 6.21 7.81 -0.88
N GLU C 62 5.84 8.80 -0.06
CA GLU C 62 4.49 9.30 -0.08
C GLU C 62 4.61 10.76 -0.49
N LEU C 63 3.69 11.22 -1.33
CA LEU C 63 3.70 12.61 -1.79
C LEU C 63 2.47 13.32 -1.29
N TYR C 64 2.69 14.37 -0.52
CA TYR C 64 1.59 15.13 0.03
C TYR C 64 1.53 16.52 -0.56
N PHE C 65 0.34 17.09 -0.61
CA PHE C 65 0.19 18.44 -1.10
C PHE C 65 -0.57 19.22 -0.04
N HIS C 66 0.03 20.30 0.44
CA HIS C 66 -0.61 21.13 1.44
C HIS C 66 -0.96 22.47 0.80
N PRO C 67 -2.22 22.66 0.41
CA PRO C 67 -2.61 23.92 -0.21
C PRO C 67 -2.43 25.13 0.74
N GLU C 68 -1.97 26.25 0.19
CA GLU C 68 -1.71 27.45 0.99
C GLU C 68 -2.91 27.87 1.83
N GLY C 69 -4.11 27.71 1.27
CA GLY C 69 -5.31 28.07 1.97
C GLY C 69 -6.00 26.89 2.62
N GLY C 70 -5.24 25.82 2.81
CA GLY C 70 -5.78 24.62 3.44
C GLY C 70 -5.03 24.35 4.73
N GLN C 71 -5.73 23.86 5.74
CA GLN C 71 -5.07 23.59 7.03
C GLN C 71 -4.41 22.23 7.11
N PHE C 72 -4.81 21.29 6.26
CA PHE C 72 -4.22 19.95 6.28
C PHE C 72 -3.59 19.53 4.97
N PRO C 73 -2.52 18.72 5.05
CA PRO C 73 -1.82 18.24 3.86
C PRO C 73 -2.57 17.03 3.30
N ILE C 74 -2.74 16.99 1.99
CA ILE C 74 -3.48 15.91 1.35
C ILE C 74 -2.54 14.89 0.67
N LEU C 75 -2.72 13.62 0.98
CA LEU C 75 -1.89 12.58 0.36
C LEU C 75 -2.31 12.46 -1.09
N VAL C 76 -1.44 12.89 -1.99
CA VAL C 76 -1.70 12.85 -3.44
C VAL C 76 -1.51 11.42 -3.94
N GLY C 77 -0.37 10.84 -3.60
CA GLY C 77 -0.05 9.49 -4.01
C GLY C 77 1.03 8.84 -3.16
N ARG C 78 1.16 7.53 -3.34
CA ARG C 78 2.13 6.74 -2.61
C ARG C 78 2.67 5.69 -3.56
N VAL C 79 3.94 5.34 -3.41
CA VAL C 79 4.52 4.34 -4.28
C VAL C 79 5.44 3.41 -3.53
N GLU C 80 5.31 2.12 -3.80
CA GLU C 80 6.16 1.10 -3.19
C GLU C 80 7.13 0.50 -4.23
N PHE C 81 8.40 0.38 -3.84
CA PHE C 81 9.44 -0.20 -4.69
C PHE C 81 9.59 -1.58 -4.06
N THR C 82 8.90 -2.54 -4.65
CA THR C 82 8.81 -3.88 -4.11
C THR C 82 9.82 -4.99 -4.39
N ASN C 83 10.75 -4.82 -5.31
CA ASN C 83 11.72 -5.89 -5.53
C ASN C 83 13.11 -5.28 -5.43
N HIS C 84 14.07 -6.04 -4.90
CA HIS C 84 15.39 -5.46 -4.66
C HIS C 84 16.54 -6.41 -5.08
N SER C 85 16.21 -7.41 -5.90
CA SER C 85 17.28 -8.25 -6.42
C SER C 85 17.42 -7.93 -7.90
N ASP C 86 16.64 -8.69 -8.70
CA ASP C 86 16.52 -8.42 -10.13
C ASP C 86 15.20 -8.96 -10.60
N PRO C 87 14.25 -8.05 -10.96
CA PRO C 87 14.52 -6.61 -11.13
C PRO C 87 14.88 -5.86 -9.83
N LEU C 88 15.48 -4.70 -10.02
CA LEU C 88 15.86 -3.82 -8.92
C LEU C 88 15.02 -2.58 -9.09
N THR C 89 13.95 -2.47 -8.31
CA THR C 89 13.11 -1.30 -8.41
C THR C 89 13.88 -0.12 -7.82
N GLU C 90 14.15 0.86 -8.66
CA GLU C 90 14.86 2.05 -8.26
C GLU C 90 13.87 2.93 -7.48
N PRO C 91 14.29 3.49 -6.34
CA PRO C 91 13.40 4.33 -5.54
C PRO C 91 13.15 5.68 -6.21
N ARG C 92 12.46 5.65 -7.34
CA ARG C 92 12.16 6.85 -8.09
C ARG C 92 10.83 6.64 -8.82
N ALA C 93 9.97 7.65 -8.82
CA ALA C 93 8.68 7.55 -9.48
C ALA C 93 8.16 8.89 -9.96
N VAL C 94 7.19 8.84 -10.86
CA VAL C 94 6.60 10.07 -11.38
C VAL C 94 5.08 10.02 -11.16
N PHE C 95 4.54 11.07 -10.53
CA PHE C 95 3.11 11.17 -10.26
C PHE C 95 2.49 12.25 -11.13
N PHE C 96 1.17 12.19 -11.25
CA PHE C 96 0.43 13.17 -12.02
C PHE C 96 -0.88 13.52 -11.31
N PHE C 97 -1.08 14.80 -11.04
CA PHE C 97 -2.30 15.21 -10.38
C PHE C 97 -2.73 16.58 -10.89
N LYS C 98 -4.03 16.83 -10.82
CA LYS C 98 -4.61 18.10 -11.25
C LYS C 98 -5.00 18.91 -10.03
N THR C 99 -4.69 20.20 -10.09
CA THR C 99 -5.04 21.13 -9.02
C THR C 99 -4.69 22.53 -9.47
N SER C 100 -5.65 23.44 -9.30
CA SER C 100 -5.45 24.82 -9.71
C SER C 100 -4.81 25.64 -8.59
N LYS C 101 -4.76 25.07 -7.40
CA LYS C 101 -4.19 25.75 -6.25
C LYS C 101 -2.67 25.72 -6.20
N LYS C 102 -2.12 26.50 -5.28
CA LYS C 102 -0.68 26.58 -5.08
C LYS C 102 -0.40 26.22 -3.62
N GLY C 103 0.84 25.94 -3.29
CA GLY C 103 1.14 25.58 -1.91
C GLY C 103 2.45 24.86 -1.74
N LYS C 104 2.49 23.93 -0.80
CA LYS C 104 3.71 23.19 -0.51
C LYS C 104 3.58 21.68 -0.82
N LEU C 105 4.66 21.07 -1.30
CA LEU C 105 4.68 19.65 -1.61
C LEU C 105 5.63 18.92 -0.65
N TYR C 106 5.17 17.83 -0.05
CA TYR C 106 6.02 17.06 0.86
C TYR C 106 6.22 15.67 0.34
N ALA C 107 7.39 15.11 0.63
CA ALA C 107 7.74 13.76 0.24
C ALA C 107 8.19 13.05 1.51
N LEU C 108 7.65 11.88 1.78
CA LEU C 108 8.04 11.13 2.97
C LEU C 108 8.53 9.77 2.49
N SER C 109 9.83 9.53 2.61
CA SER C 109 10.40 8.26 2.19
C SER C 109 10.80 7.41 3.40
N TYR C 110 10.78 6.10 3.22
CA TYR C 110 11.13 5.18 4.29
C TYR C 110 12.20 4.21 3.85
N CYS C 111 13.25 4.11 4.66
CA CYS C 111 14.32 3.17 4.39
C CYS C 111 14.06 2.07 5.41
N ASN C 112 14.25 0.82 5.02
CA ASN C 112 13.96 -0.26 5.97
C ASN C 112 14.88 -0.36 7.18
N ILE C 113 16.05 0.27 7.16
CA ILE C 113 16.90 0.21 8.33
C ILE C 113 17.26 1.59 8.89
N HIS C 114 16.88 2.66 8.19
CA HIS C 114 17.19 4.01 8.65
C HIS C 114 15.96 4.90 8.86
N GLY C 115 14.79 4.29 8.90
CA GLY C 115 13.58 5.04 9.16
C GLY C 115 13.03 6.01 8.12
N LEU C 116 12.28 6.99 8.63
CA LEU C 116 11.62 8.01 7.83
C LEU C 116 12.46 9.22 7.52
N TRP C 117 12.23 9.79 6.34
CA TRP C 117 12.93 10.98 5.87
C TRP C 117 11.93 11.87 5.16
N GLU C 118 12.18 13.18 5.20
CA GLU C 118 11.25 14.10 4.58
C GLU C 118 11.91 15.24 3.83
N ASN C 119 11.13 15.93 3.02
CA ASN C 119 11.62 17.06 2.27
C ASN C 119 10.42 17.83 1.77
N GLU C 120 10.65 19.03 1.27
CA GLU C 120 9.55 19.85 0.78
C GLU C 120 10.00 20.81 -0.31
N VAL C 121 9.04 21.20 -1.15
CA VAL C 121 9.32 22.14 -2.23
C VAL C 121 8.06 22.95 -2.46
N GLN C 122 8.23 24.24 -2.75
CA GLN C 122 7.09 25.10 -3.00
C GLN C 122 6.52 24.84 -4.38
N LEU C 123 5.20 24.67 -4.45
CA LEU C 123 4.54 24.44 -5.72
C LEU C 123 4.02 25.80 -6.19
N GLU C 124 4.81 26.47 -7.02
CA GLU C 124 4.42 27.77 -7.55
C GLU C 124 3.31 27.64 -8.59
N MET D 10 -13.50 -18.42 -8.96
CA MET D 10 -12.33 -17.82 -8.27
C MET D 10 -12.26 -16.30 -8.43
N LEU D 11 -11.28 -15.68 -7.77
CA LEU D 11 -11.08 -14.24 -7.86
C LEU D 11 -10.42 -13.90 -9.20
N LYS D 12 -9.54 -14.78 -9.69
CA LYS D 12 -8.90 -14.53 -10.96
C LYS D 12 -9.93 -14.48 -12.06
N GLU D 13 -11.06 -15.14 -11.87
CA GLU D 13 -12.11 -15.13 -12.88
C GLU D 13 -12.67 -13.73 -13.05
N THR D 14 -12.67 -12.96 -11.95
CA THR D 14 -13.20 -11.61 -11.96
C THR D 14 -12.28 -10.57 -12.60
N ILE D 15 -11.04 -10.95 -12.89
CA ILE D 15 -10.08 -10.04 -13.50
C ILE D 15 -10.38 -9.87 -14.99
N ARG D 16 -10.80 -8.67 -15.37
CA ARG D 16 -11.13 -8.37 -16.76
C ARG D 16 -9.91 -7.87 -17.52
N SER D 17 -9.94 -8.01 -18.84
CA SER D 17 -8.84 -7.56 -19.69
C SER D 17 -9.32 -6.91 -21.00
N GLY D 18 -10.63 -6.62 -21.07
CA GLY D 18 -11.19 -5.97 -22.23
C GLY D 18 -12.28 -5.02 -21.77
N ASP D 19 -12.17 -3.75 -22.15
CA ASP D 19 -13.16 -2.77 -21.74
C ASP D 19 -14.55 -3.01 -22.34
N TRP D 20 -15.53 -2.30 -21.78
CA TRP D 20 -16.91 -2.33 -22.23
C TRP D 20 -17.08 -0.86 -22.59
N LYS D 21 -17.79 -0.55 -23.67
CA LYS D 21 -17.92 0.86 -24.06
C LYS D 21 -18.48 1.75 -22.96
N GLY D 22 -18.02 3.00 -22.96
CA GLY D 22 -18.43 3.96 -21.95
C GLY D 22 -17.23 4.25 -21.09
N GLU D 23 -17.02 3.43 -20.06
CA GLU D 23 -15.88 3.60 -19.18
C GLU D 23 -14.64 2.89 -19.68
N LYS D 24 -13.49 3.40 -19.24
CA LYS D 24 -12.21 2.83 -19.61
C LYS D 24 -11.49 2.35 -18.34
N HIS D 25 -11.04 1.09 -18.34
CA HIS D 25 -10.35 0.52 -17.18
C HIS D 25 -9.03 -0.18 -17.48
N VAL D 26 -8.98 -0.91 -18.59
CA VAL D 26 -7.77 -1.63 -18.95
C VAL D 26 -6.52 -0.75 -18.93
N PRO D 27 -5.56 -1.08 -18.05
CA PRO D 27 -4.31 -0.34 -17.92
C PRO D 27 -3.44 -0.41 -19.16
N VAL D 28 -2.81 0.71 -19.50
CA VAL D 28 -1.95 0.77 -20.67
C VAL D 28 -0.49 0.76 -20.19
N ILE D 29 0.31 -0.14 -20.74
CA ILE D 29 1.72 -0.23 -20.34
C ILE D 29 2.68 0.17 -21.46
N GLU D 30 3.43 1.24 -21.23
CA GLU D 30 4.41 1.74 -22.21
C GLU D 30 5.78 1.80 -21.55
N TYR D 31 6.80 1.28 -22.22
CA TYR D 31 8.13 1.30 -21.63
C TYR D 31 9.22 1.83 -22.52
N GLU D 32 10.32 2.20 -21.90
CA GLU D 32 11.48 2.71 -22.60
C GLU D 32 12.63 1.93 -21.95
N ARG D 33 13.60 1.52 -22.75
CA ARG D 33 14.72 0.75 -22.20
C ARG D 33 16.10 1.10 -22.75
N GLU D 34 16.97 1.61 -21.88
CA GLU D 34 18.34 1.93 -22.27
C GLU D 34 19.25 0.91 -21.55
N GLY D 35 19.52 -0.19 -22.24
CA GLY D 35 20.36 -1.22 -21.68
C GLY D 35 19.64 -1.97 -20.57
N ASP D 36 20.16 -1.85 -19.36
CA ASP D 36 19.57 -2.53 -18.21
C ASP D 36 18.46 -1.75 -17.52
N LEU D 37 18.45 -0.43 -17.64
CA LEU D 37 17.39 0.32 -16.97
C LEU D 37 16.16 0.54 -17.83
N VAL D 38 15.03 0.07 -17.31
CA VAL D 38 13.75 0.17 -17.98
C VAL D 38 12.90 1.28 -17.35
N LYS D 39 12.20 2.02 -18.21
CA LYS D 39 11.32 3.11 -17.77
C LYS D 39 9.91 2.70 -18.18
N VAL D 40 9.04 2.49 -17.20
CA VAL D 40 7.67 2.05 -17.49
C VAL D 40 6.57 3.01 -17.08
N GLU D 41 5.63 3.25 -17.99
CA GLU D 41 4.50 4.11 -17.71
C GLU D 41 3.21 3.28 -17.76
N VAL D 42 2.44 3.34 -16.68
CA VAL D 42 1.18 2.63 -16.55
C VAL D 42 0.09 3.69 -16.40
N SER D 43 -1.07 3.46 -16.99
CA SER D 43 -2.15 4.44 -16.90
C SER D 43 -3.52 3.88 -17.22
N VAL D 44 -4.55 4.65 -16.90
CA VAL D 44 -5.95 4.28 -17.17
C VAL D 44 -6.76 5.50 -17.59
N GLY D 45 -7.30 5.46 -18.82
CA GLY D 45 -8.09 6.55 -19.32
C GLY D 45 -7.24 7.78 -19.56
N LYS D 46 -6.08 7.58 -20.14
CA LYS D 46 -5.17 8.69 -20.42
C LYS D 46 -5.68 9.61 -21.52
N GLU D 47 -6.53 9.08 -22.41
CA GLU D 47 -7.10 9.84 -23.51
C GLU D 47 -8.57 10.12 -23.22
N ILE D 48 -9.29 9.05 -22.90
CA ILE D 48 -10.70 9.11 -22.55
C ILE D 48 -10.70 8.85 -21.04
N PRO D 49 -10.47 9.89 -20.23
CA PRO D 49 -10.44 9.72 -18.78
C PRO D 49 -11.56 8.92 -18.14
N HIS D 50 -11.18 8.09 -17.19
CA HIS D 50 -12.11 7.27 -16.44
C HIS D 50 -12.58 8.21 -15.33
N PRO D 51 -13.81 8.05 -14.83
CA PRO D 51 -14.26 8.93 -13.74
C PRO D 51 -13.22 8.97 -12.63
N ASN D 52 -13.14 10.08 -11.93
CA ASN D 52 -12.20 10.26 -10.82
C ASN D 52 -12.86 11.13 -9.76
N THR D 53 -13.66 10.50 -8.91
CA THR D 53 -14.36 11.19 -7.84
C THR D 53 -14.27 10.32 -6.59
N PRO D 54 -14.54 10.90 -5.41
CA PRO D 54 -14.47 10.12 -4.17
C PRO D 54 -15.29 8.83 -4.17
N GLU D 55 -16.34 8.79 -4.98
CA GLU D 55 -17.20 7.61 -5.04
C GLU D 55 -16.80 6.62 -6.13
N HIS D 56 -16.12 7.11 -7.16
CA HIS D 56 -15.73 6.26 -8.26
C HIS D 56 -14.38 6.71 -8.81
N HIS D 57 -13.39 5.81 -8.79
CA HIS D 57 -12.06 6.17 -9.28
C HIS D 57 -11.13 4.95 -9.46
N ILE D 58 -9.99 5.20 -10.06
CA ILE D 58 -8.98 4.16 -10.24
C ILE D 58 -8.05 4.34 -9.04
N ALA D 59 -8.16 3.46 -8.06
CA ALA D 59 -7.38 3.53 -6.83
C ALA D 59 -5.89 3.24 -6.92
N TRP D 60 -5.51 2.19 -7.64
CA TRP D 60 -4.10 1.83 -7.75
C TRP D 60 -3.77 0.93 -8.94
N ILE D 61 -2.47 0.88 -9.25
CA ILE D 61 -1.96 0.05 -10.33
C ILE D 61 -0.69 -0.65 -9.87
N GLU D 62 -0.63 -1.97 -10.02
CA GLU D 62 0.56 -2.73 -9.65
C GLU D 62 1.27 -3.18 -10.93
N LEU D 63 2.60 -3.19 -10.89
CA LEU D 63 3.39 -3.60 -12.04
C LEU D 63 4.19 -4.87 -11.76
N TYR D 64 3.96 -5.91 -12.55
CA TYR D 64 4.69 -7.17 -12.39
C TYR D 64 5.58 -7.44 -13.58
N PHE D 65 6.68 -8.14 -13.33
CA PHE D 65 7.61 -8.51 -14.37
C PHE D 65 7.78 -10.03 -14.26
N HIS D 66 7.58 -10.72 -15.37
CA HIS D 66 7.67 -12.17 -15.42
C HIS D 66 8.79 -12.52 -16.40
N PRO D 67 10.00 -12.75 -15.89
CA PRO D 67 11.17 -13.09 -16.71
C PRO D 67 10.95 -14.41 -17.46
N GLU D 68 11.52 -14.47 -18.68
CA GLU D 68 11.43 -15.70 -19.46
C GLU D 68 12.15 -16.86 -18.76
N GLY D 69 11.62 -18.08 -18.95
CA GLY D 69 12.11 -19.18 -18.14
C GLY D 69 11.95 -18.84 -16.65
N GLY D 70 10.75 -18.33 -16.34
CA GLY D 70 10.49 -17.89 -14.97
C GLY D 70 9.13 -18.39 -14.46
N GLN D 71 9.15 -18.92 -13.22
CA GLN D 71 7.98 -19.57 -12.67
C GLN D 71 6.91 -18.55 -12.18
N PHE D 72 7.38 -17.43 -11.62
CA PHE D 72 6.46 -16.51 -10.96
C PHE D 72 6.63 -15.05 -11.43
N PRO D 73 5.51 -14.32 -11.50
CA PRO D 73 5.65 -12.91 -11.84
C PRO D 73 6.19 -12.24 -10.58
N ILE D 74 7.02 -11.22 -10.75
CA ILE D 74 7.58 -10.51 -9.61
C ILE D 74 6.99 -9.11 -9.55
N LEU D 75 6.49 -8.73 -8.38
CA LEU D 75 5.94 -7.39 -8.21
C LEU D 75 7.10 -6.40 -8.19
N VAL D 76 7.11 -5.50 -9.17
CA VAL D 76 8.15 -4.48 -9.27
C VAL D 76 7.80 -3.30 -8.36
N GLY D 77 6.56 -2.82 -8.49
CA GLY D 77 6.09 -1.71 -7.68
C GLY D 77 4.58 -1.61 -7.59
N ARG D 78 4.11 -0.70 -6.75
CA ARG D 78 2.67 -0.49 -6.56
C ARG D 78 2.47 1.00 -6.32
N VAL D 79 1.63 1.64 -7.11
CA VAL D 79 1.37 3.06 -6.94
C VAL D 79 -0.09 3.32 -6.58
N GLU D 80 -0.30 4.22 -5.63
CA GLU D 80 -1.64 4.55 -5.17
C GLU D 80 -2.03 5.99 -5.48
N PHE D 81 -3.18 6.14 -6.11
CA PHE D 81 -3.72 7.46 -6.45
C PHE D 81 -4.71 7.68 -5.31
N THR D 82 -4.25 8.41 -4.30
CA THR D 82 -5.00 8.63 -3.06
C THR D 82 -5.93 9.83 -2.79
N ASN D 83 -6.23 10.64 -3.79
CA ASN D 83 -7.15 11.76 -3.55
C ASN D 83 -7.92 11.98 -4.83
N HIS D 84 -9.23 12.19 -4.71
CA HIS D 84 -10.06 12.35 -5.88
C HIS D 84 -11.02 13.54 -5.86
N SER D 85 -10.48 14.71 -5.55
CA SER D 85 -11.24 15.95 -5.51
C SER D 85 -10.33 17.09 -5.92
N ASP D 86 -9.47 17.53 -4.99
CA ASP D 86 -8.53 18.59 -5.28
C ASP D 86 -7.51 18.63 -4.16
N PRO D 87 -6.28 18.18 -4.43
CA PRO D 87 -5.85 17.66 -5.74
C PRO D 87 -6.58 16.42 -6.24
N LEU D 88 -6.58 16.27 -7.56
CA LEU D 88 -7.20 15.14 -8.23
C LEU D 88 -6.03 14.34 -8.78
N THR D 89 -5.76 13.18 -8.19
CA THR D 89 -4.65 12.36 -8.63
C THR D 89 -5.00 11.52 -9.83
N GLU D 90 -4.23 11.65 -10.90
CA GLU D 90 -4.44 10.91 -12.13
C GLU D 90 -3.93 9.48 -11.96
N PRO D 91 -4.67 8.50 -12.49
CA PRO D 91 -4.31 7.08 -12.42
C PRO D 91 -3.26 6.88 -13.50
N ARG D 92 -2.13 7.54 -13.30
CA ARG D 92 -1.04 7.51 -14.25
C ARG D 92 0.27 7.64 -13.48
N ALA D 93 1.23 6.77 -13.76
CA ALA D 93 2.52 6.82 -13.08
C ALA D 93 3.69 6.26 -13.89
N VAL D 94 4.89 6.53 -13.43
CA VAL D 94 6.08 6.05 -14.09
C VAL D 94 6.99 5.34 -13.07
N PHE D 95 7.38 4.11 -13.39
CA PHE D 95 8.27 3.29 -12.56
C PHE D 95 9.65 3.17 -13.18
N PHE D 96 10.67 2.96 -12.35
CA PHE D 96 12.04 2.79 -12.84
C PHE D 96 12.70 1.55 -12.26
N PHE D 97 13.19 0.65 -13.10
CA PHE D 97 13.84 -0.55 -12.61
C PHE D 97 14.91 -1.08 -13.55
N LYS D 98 15.93 -1.70 -12.98
CA LYS D 98 17.01 -2.26 -13.77
C LYS D 98 16.91 -3.77 -13.77
N THR D 99 17.27 -4.38 -14.89
CA THR D 99 17.25 -5.83 -15.06
C THR D 99 17.93 -6.16 -16.38
N SER D 100 18.50 -7.36 -16.46
CA SER D 100 19.16 -7.81 -17.67
C SER D 100 18.42 -8.98 -18.30
N LYS D 101 17.17 -9.16 -17.90
CA LYS D 101 16.35 -10.25 -18.41
C LYS D 101 15.27 -9.75 -19.32
N LYS D 102 14.77 -10.66 -20.15
CA LYS D 102 13.70 -10.37 -21.07
C LYS D 102 12.50 -11.11 -20.53
N GLY D 103 11.30 -10.62 -20.83
CA GLY D 103 10.10 -11.27 -20.34
C GLY D 103 8.92 -10.36 -20.58
N LYS D 104 7.82 -10.62 -19.89
CA LYS D 104 6.65 -9.77 -20.06
C LYS D 104 6.28 -8.98 -18.83
N LEU D 105 5.71 -7.80 -19.07
CA LEU D 105 5.27 -6.90 -18.01
C LEU D 105 3.75 -7.00 -17.91
N TYR D 106 3.23 -7.00 -16.69
CA TYR D 106 1.81 -7.08 -16.49
C TYR D 106 1.39 -5.90 -15.63
N ALA D 107 0.18 -5.42 -15.84
CA ALA D 107 -0.35 -4.33 -15.05
C ALA D 107 -1.71 -4.78 -14.51
N LEU D 108 -1.88 -4.62 -13.21
CA LEU D 108 -3.11 -4.97 -12.52
C LEU D 108 -3.62 -3.65 -11.96
N SER D 109 -4.84 -3.26 -12.34
CA SER D 109 -5.41 -2.00 -11.84
C SER D 109 -6.75 -2.22 -11.14
N TYR D 110 -7.09 -1.31 -10.24
CA TYR D 110 -8.33 -1.44 -9.49
C TYR D 110 -9.21 -0.21 -9.51
N CYS D 111 -10.47 -0.42 -9.88
CA CYS D 111 -11.46 0.64 -9.88
C CYS D 111 -12.23 0.28 -8.63
N ASN D 112 -12.52 1.26 -7.78
CA ASN D 112 -13.21 0.95 -6.54
C ASN D 112 -14.60 0.32 -6.68
N ILE D 113 -15.23 0.43 -7.84
CA ILE D 113 -16.55 -0.18 -8.03
C ILE D 113 -16.61 -1.11 -9.24
N HIS D 114 -15.56 -1.13 -10.05
CA HIS D 114 -15.55 -1.99 -11.23
C HIS D 114 -14.49 -3.09 -11.22
N GLY D 115 -14.02 -3.45 -10.02
CA GLY D 115 -13.04 -4.52 -9.86
C GLY D 115 -11.62 -4.39 -10.41
N LEU D 116 -10.99 -5.55 -10.56
CA LEU D 116 -9.62 -5.68 -11.05
C LEU D 116 -9.54 -5.74 -12.57
N TRP D 117 -8.45 -5.22 -13.13
CA TRP D 117 -8.23 -5.23 -14.57
C TRP D 117 -6.74 -5.47 -14.86
N GLU D 118 -6.47 -6.18 -15.95
CA GLU D 118 -5.10 -6.50 -16.27
C GLU D 118 -4.75 -6.28 -17.73
N ASN D 119 -3.46 -6.22 -17.98
CA ASN D 119 -2.93 -6.05 -19.32
C ASN D 119 -1.49 -6.51 -19.34
N GLU D 120 -0.90 -6.57 -20.52
CA GLU D 120 0.48 -7.00 -20.62
C GLU D 120 1.20 -6.44 -21.84
N VAL D 121 2.51 -6.63 -21.86
CA VAL D 121 3.35 -6.17 -22.94
C VAL D 121 4.69 -6.90 -22.82
N GLN D 122 5.29 -7.21 -23.96
CA GLN D 122 6.56 -7.91 -23.96
C GLN D 122 7.71 -6.96 -23.72
N LEU D 123 8.57 -7.31 -22.77
CA LEU D 123 9.75 -6.51 -22.49
C LEU D 123 10.80 -7.16 -23.37
N GLU D 124 11.05 -6.56 -24.52
CA GLU D 124 12.02 -7.08 -25.47
C GLU D 124 13.44 -6.63 -25.09
FE FE E . -11.44 13.23 9.73
FE FE F . 7.24 -18.61 -0.66
FE FE G . 19.42 3.41 4.34
FE FE H . -14.81 2.28 -13.16
#